data_1DGP
#
_entry.id   1DGP
#
_cell.length_a   208.200
_cell.length_b   208.200
_cell.length_c   139.600
_cell.angle_alpha   90.00
_cell.angle_beta   90.00
_cell.angle_gamma   90.00
#
_symmetry.space_group_name_H-M   'I 4 2 2'
#
loop_
_entity.id
_entity.type
_entity.pdbx_description
1 polymer 'ARISTOLOCHENE SYNTHASE'
2 non-polymer (2E,6E)-3,7,11-trimethyldodeca-2,6,10-trien-1-ol
3 non-polymer (2Z,6Z)-3,7,11-trimethyldodeca-2,6,10-trien-1-ol
4 water water
#
_entity_poly.entity_id   1
_entity_poly.type   'polypeptide(L)'
_entity_poly.pdbx_seq_one_letter_code
;TPPPTQWSYLCHPRVKEVQDEVDGYFLENWKFPSFKAVRTFLDAKFSEVTCLYFPLALDDRIHFACRLLTVLFLIDDVLE
HMSFADGEAYNNRLIPISRGDVLPDRTKPEEFILYDLWESMRAHDAELANEVLEPTFVFMRAQTDRARLSIHELGHYLEY
REKDVGKALLSALMRFSMGLRLSADELQDMKALEANCAKQLSVVNDIYSYDKEEEASRTGHKEGAFLCSAVKVLAEESKL
GIPATKRVLWSMTREWETVHDEIVAEKIASPDGCSEAAKAYMKGLEYQMSGNEQWSKTTR
;
_entity_poly.pdbx_strand_id   A,B
#
loop_
_chem_comp.id
_chem_comp.type
_chem_comp.name
_chem_comp.formula
FOF non-polymer (2E,6E)-3,7,11-trimethyldodeca-2,6,10-trien-1-ol 'C15 H26 O'
FOH non-polymer (2Z,6Z)-3,7,11-trimethyldodeca-2,6,10-trien-1-ol 'C15 H26 O'
#
# COMPACT_ATOMS: atom_id res chain seq x y z
N THR A 1 -50.81 13.66 6.44
CA THR A 1 -51.05 12.54 7.39
C THR A 1 -50.50 12.81 8.79
N PRO A 2 -49.24 13.27 8.91
CA PRO A 2 -48.68 13.54 10.24
C PRO A 2 -49.48 14.57 11.04
N PRO A 3 -49.81 14.27 12.31
CA PRO A 3 -50.57 15.23 13.12
C PRO A 3 -49.77 16.51 13.27
N PRO A 4 -50.41 17.59 13.75
CA PRO A 4 -49.64 18.83 13.90
C PRO A 4 -48.49 18.68 14.89
N THR A 5 -47.53 19.59 14.81
CA THR A 5 -46.38 19.58 15.70
C THR A 5 -46.13 21.01 16.11
N GLN A 6 -45.81 21.21 17.38
CA GLN A 6 -45.54 22.55 17.90
C GLN A 6 -44.22 23.13 17.39
N TRP A 7 -43.33 22.26 16.94
CA TRP A 7 -42.00 22.68 16.48
C TRP A 7 -41.84 23.02 15.01
N SER A 8 -40.92 23.94 14.73
CA SER A 8 -40.61 24.36 13.37
C SER A 8 -39.17 24.01 13.05
N TYR A 9 -38.97 23.24 11.99
CA TYR A 9 -37.62 22.87 11.61
C TYR A 9 -36.89 24.09 11.07
N LEU A 10 -35.60 23.94 10.81
CA LEU A 10 -34.79 25.02 10.29
C LEU A 10 -33.60 24.40 9.57
N CYS A 11 -33.12 25.06 8.53
CA CYS A 11 -31.96 24.55 7.81
C CYS A 11 -30.84 25.58 7.96
N HIS A 12 -29.60 25.12 8.09
CA HIS A 12 -28.52 26.06 8.27
C HIS A 12 -28.46 27.00 7.08
N PRO A 13 -28.40 28.31 7.35
CA PRO A 13 -28.34 29.36 6.34
C PRO A 13 -27.34 29.12 5.20
N ARG A 14 -26.16 28.58 5.51
CA ARG A 14 -25.15 28.36 4.47
C ARG A 14 -25.20 26.97 3.85
N VAL A 15 -26.34 26.31 3.95
CA VAL A 15 -26.46 24.96 3.40
C VAL A 15 -25.99 24.84 1.96
N LYS A 16 -26.35 25.79 1.10
CA LYS A 16 -25.96 25.72 -0.32
C LYS A 16 -24.45 25.78 -0.56
N GLU A 17 -23.79 26.80 -0.03
CA GLU A 17 -22.35 26.92 -0.23
C GLU A 17 -21.61 25.75 0.39
N VAL A 18 -21.96 25.43 1.63
CA VAL A 18 -21.32 24.33 2.34
C VAL A 18 -21.49 23.00 1.62
N GLN A 19 -22.68 22.77 1.06
CA GLN A 19 -22.94 21.53 0.36
C GLN A 19 -22.03 21.41 -0.85
N ASP A 20 -21.87 22.50 -1.57
CA ASP A 20 -21.01 22.46 -2.73
C ASP A 20 -19.60 22.17 -2.21
N GLU A 21 -19.15 23.01 -1.28
CA GLU A 21 -17.83 22.88 -0.67
C GLU A 21 -17.51 21.44 -0.28
N VAL A 22 -18.24 20.90 0.69
CA VAL A 22 -18.00 19.54 1.15
C VAL A 22 -18.16 18.43 0.09
N ASP A 23 -19.30 18.37 -0.61
CA ASP A 23 -19.48 17.34 -1.63
C ASP A 23 -18.31 17.41 -2.60
N GLY A 24 -17.90 18.63 -2.92
CA GLY A 24 -16.78 18.84 -3.83
C GLY A 24 -15.52 18.22 -3.31
N TYR A 25 -15.22 18.48 -2.05
CA TYR A 25 -14.03 17.93 -1.42
C TYR A 25 -14.00 16.43 -1.62
N PHE A 26 -15.13 15.76 -1.37
CA PHE A 26 -15.16 14.32 -1.53
C PHE A 26 -15.08 13.87 -3.00
N LEU A 27 -15.67 14.65 -3.90
CA LEU A 27 -15.59 14.28 -5.31
C LEU A 27 -14.12 14.35 -5.73
N GLU A 28 -13.37 15.20 -5.03
CA GLU A 28 -11.94 15.40 -5.28
C GLU A 28 -11.01 14.41 -4.61
N ASN A 29 -11.43 13.83 -3.49
CA ASN A 29 -10.55 12.93 -2.75
C ASN A 29 -10.96 11.49 -2.56
N TRP A 30 -12.26 11.23 -2.44
CA TRP A 30 -12.71 9.87 -2.22
C TRP A 30 -12.62 9.04 -3.49
N LYS A 31 -12.11 7.82 -3.35
CA LYS A 31 -11.99 6.90 -4.48
C LYS A 31 -13.32 6.23 -4.75
N PHE A 32 -14.23 6.91 -5.45
CA PHE A 32 -15.50 6.28 -5.72
C PHE A 32 -15.32 5.12 -6.68
N PRO A 33 -16.04 4.02 -6.46
CA PRO A 33 -15.96 2.82 -7.30
C PRO A 33 -16.39 3.04 -8.75
N SER A 34 -17.35 3.94 -8.97
CA SER A 34 -17.87 4.20 -10.31
C SER A 34 -18.62 5.52 -10.37
N PHE A 35 -19.05 5.87 -11.57
CA PHE A 35 -19.82 7.09 -11.75
C PHE A 35 -21.21 6.93 -11.17
N LYS A 36 -21.75 5.72 -11.25
CA LYS A 36 -23.06 5.47 -10.68
C LYS A 36 -22.98 5.71 -9.16
N ALA A 37 -21.83 5.37 -8.59
CA ALA A 37 -21.61 5.54 -7.16
C ALA A 37 -21.66 7.02 -6.83
N VAL A 38 -21.01 7.82 -7.68
CA VAL A 38 -20.99 9.27 -7.51
C VAL A 38 -22.42 9.82 -7.54
N ARG A 39 -23.23 9.28 -8.45
CA ARG A 39 -24.62 9.70 -8.57
C ARG A 39 -25.32 9.38 -7.26
N THR A 40 -25.10 8.17 -6.77
CA THR A 40 -25.70 7.72 -5.52
C THR A 40 -25.27 8.60 -4.35
N PHE A 41 -23.98 8.90 -4.30
CA PHE A 41 -23.42 9.73 -3.26
C PHE A 41 -24.14 11.06 -3.23
N LEU A 42 -24.20 11.71 -4.39
CA LEU A 42 -24.83 13.03 -4.50
C LEU A 42 -26.31 13.04 -4.16
N ASP A 43 -27.03 12.00 -4.53
CA ASP A 43 -28.45 11.95 -4.23
C ASP A 43 -28.72 11.86 -2.73
N ALA A 44 -27.69 11.54 -1.96
CA ALA A 44 -27.81 11.42 -0.50
C ALA A 44 -27.87 12.79 0.17
N LYS A 45 -27.21 13.77 -0.46
CA LYS A 45 -27.19 15.14 0.05
C LYS A 45 -26.83 15.20 1.53
N PHE A 46 -25.76 14.52 1.90
CA PHE A 46 -25.32 14.49 3.29
C PHE A 46 -25.22 15.85 3.97
N SER A 47 -24.65 16.84 3.29
CA SER A 47 -24.52 18.16 3.87
C SER A 47 -25.86 18.81 4.15
N GLU A 48 -26.86 18.49 3.33
CA GLU A 48 -28.19 19.05 3.53
C GLU A 48 -28.78 18.48 4.82
N VAL A 49 -28.64 17.18 5.01
CA VAL A 49 -29.14 16.49 6.19
C VAL A 49 -28.49 17.11 7.42
N THR A 50 -27.16 17.21 7.40
CA THR A 50 -26.40 17.79 8.49
C THR A 50 -26.95 19.18 8.80
N CYS A 51 -27.21 19.96 7.74
CA CYS A 51 -27.72 21.31 7.90
C CYS A 51 -29.12 21.39 8.48
N LEU A 52 -29.87 20.30 8.39
CA LEU A 52 -31.22 20.26 8.93
C LEU A 52 -31.16 19.87 10.39
N TYR A 53 -30.13 19.12 10.74
CA TYR A 53 -29.93 18.66 12.11
C TYR A 53 -29.29 19.73 12.99
N PHE A 54 -28.35 20.47 12.43
CA PHE A 54 -27.64 21.49 13.17
C PHE A 54 -27.79 22.91 12.62
N PRO A 55 -29.04 23.36 12.39
CA PRO A 55 -29.24 24.70 11.86
C PRO A 55 -28.71 25.86 12.72
N LEU A 56 -28.39 25.59 13.98
CA LEU A 56 -27.87 26.65 14.85
C LEU A 56 -26.37 26.55 14.97
N ALA A 57 -25.75 25.74 14.12
CA ALA A 57 -24.31 25.59 14.14
C ALA A 57 -23.66 26.91 13.74
N LEU A 58 -22.48 27.19 14.28
CA LEU A 58 -21.76 28.41 13.93
C LEU A 58 -21.35 28.34 12.46
N ASP A 59 -21.44 29.46 11.76
CA ASP A 59 -21.10 29.49 10.34
C ASP A 59 -19.75 28.88 9.99
N ASP A 60 -18.74 29.15 10.82
CA ASP A 60 -17.41 28.65 10.56
C ASP A 60 -17.18 27.24 11.07
N ARG A 61 -18.24 26.56 11.47
CA ARG A 61 -18.11 25.19 11.97
C ARG A 61 -19.02 24.20 11.25
N ILE A 62 -20.16 24.65 10.75
CA ILE A 62 -21.10 23.76 10.09
C ILE A 62 -20.46 22.82 9.07
N HIS A 63 -19.42 23.28 8.37
CA HIS A 63 -18.76 22.42 7.38
C HIS A 63 -18.03 21.23 8.01
N PHE A 64 -17.57 21.38 9.24
CA PHE A 64 -16.90 20.28 9.93
C PHE A 64 -17.91 19.15 10.12
N ALA A 65 -19.09 19.51 10.60
CA ALA A 65 -20.17 18.57 10.84
C ALA A 65 -20.50 17.83 9.55
N CYS A 66 -20.61 18.58 8.47
CA CYS A 66 -20.92 17.98 7.17
C CYS A 66 -19.79 17.04 6.77
N ARG A 67 -18.56 17.50 6.90
CA ARG A 67 -17.42 16.65 6.56
C ARG A 67 -17.41 15.37 7.38
N LEU A 68 -17.47 15.51 8.71
CA LEU A 68 -17.44 14.34 9.59
C LEU A 68 -18.55 13.33 9.32
N LEU A 69 -19.78 13.81 9.14
CA LEU A 69 -20.89 12.90 8.89
C LEU A 69 -20.73 12.24 7.52
N THR A 70 -20.34 13.01 6.53
CA THR A 70 -20.16 12.45 5.20
C THR A 70 -19.17 11.29 5.17
N VAL A 71 -17.97 11.51 5.68
CA VAL A 71 -16.97 10.45 5.67
C VAL A 71 -17.41 9.25 6.52
N LEU A 72 -18.17 9.52 7.57
CA LEU A 72 -18.66 8.47 8.45
C LEU A 72 -19.68 7.59 7.75
N PHE A 73 -20.46 8.18 6.85
CA PHE A 73 -21.47 7.41 6.12
C PHE A 73 -20.77 6.63 5.03
N LEU A 74 -19.74 7.24 4.45
CA LEU A 74 -18.97 6.57 3.42
C LEU A 74 -18.32 5.36 4.06
N ILE A 75 -17.72 5.58 5.23
CA ILE A 75 -17.09 4.50 5.94
C ILE A 75 -18.11 3.45 6.33
N ASP A 76 -19.24 3.88 6.87
CA ASP A 76 -20.27 2.95 7.32
C ASP A 76 -20.67 2.00 6.22
N ASP A 77 -20.75 2.51 5.01
CA ASP A 77 -21.11 1.68 3.87
C ASP A 77 -19.99 0.71 3.53
N VAL A 78 -18.76 1.16 3.70
CA VAL A 78 -17.63 0.28 3.41
C VAL A 78 -17.63 -0.91 4.38
N LEU A 79 -17.77 -0.62 5.66
CA LEU A 79 -17.78 -1.66 6.69
C LEU A 79 -18.90 -2.66 6.45
N GLU A 80 -20.02 -2.19 5.94
CA GLU A 80 -21.15 -3.06 5.71
C GLU A 80 -20.90 -4.08 4.62
N HIS A 81 -19.90 -3.84 3.79
CA HIS A 81 -19.61 -4.77 2.71
C HIS A 81 -18.39 -5.64 2.90
N MET A 82 -17.80 -5.60 4.09
CA MET A 82 -16.63 -6.42 4.39
C MET A 82 -16.80 -7.24 5.66
N SER A 83 -16.32 -8.48 5.62
CA SER A 83 -16.37 -9.40 6.75
C SER A 83 -16.18 -8.71 8.11
N PHE A 84 -16.74 -9.31 9.15
CA PHE A 84 -16.61 -8.76 10.48
C PHE A 84 -15.16 -8.49 10.85
N ALA A 85 -14.29 -9.44 10.53
CA ALA A 85 -12.87 -9.32 10.83
C ALA A 85 -12.21 -8.19 10.06
N ASP A 86 -12.44 -8.18 8.76
CA ASP A 86 -11.87 -7.15 7.89
C ASP A 86 -12.36 -5.77 8.34
N GLY A 87 -13.63 -5.71 8.73
CA GLY A 87 -14.21 -4.46 9.19
C GLY A 87 -13.54 -4.00 10.46
N GLU A 88 -13.43 -4.90 11.42
CA GLU A 88 -12.81 -4.60 12.70
C GLU A 88 -11.40 -4.07 12.49
N ALA A 89 -10.68 -4.68 11.55
CA ALA A 89 -9.32 -4.27 11.24
C ALA A 89 -9.34 -2.88 10.64
N TYR A 90 -10.28 -2.64 9.74
CA TYR A 90 -10.43 -1.35 9.07
C TYR A 90 -10.48 -0.22 10.10
N ASN A 91 -11.37 -0.33 11.08
CA ASN A 91 -11.50 0.68 12.13
C ASN A 91 -10.21 0.81 12.95
N ASN A 92 -9.57 -0.33 13.23
CA ASN A 92 -8.33 -0.34 13.99
C ASN A 92 -7.30 0.51 13.29
N ARG A 93 -7.36 0.56 11.98
CA ARG A 93 -6.40 1.36 11.25
C ARG A 93 -6.73 2.85 11.33
N LEU A 94 -8.01 3.19 11.20
CA LEU A 94 -8.46 4.58 11.21
C LEU A 94 -8.52 5.33 12.55
N ILE A 95 -8.99 4.67 13.60
CA ILE A 95 -9.09 5.34 14.89
C ILE A 95 -7.77 5.97 15.36
N PRO A 96 -6.66 5.23 15.29
CA PRO A 96 -5.37 5.79 15.72
C PRO A 96 -5.01 7.02 14.90
N ILE A 97 -5.39 7.01 13.63
CA ILE A 97 -5.12 8.14 12.74
C ILE A 97 -6.04 9.30 13.10
N SER A 98 -7.28 8.98 13.42
CA SER A 98 -8.26 9.99 13.78
C SER A 98 -7.81 10.73 15.03
N ARG A 99 -7.11 10.02 15.91
CA ARG A 99 -6.59 10.64 17.12
C ARG A 99 -5.44 11.53 16.73
N GLY A 100 -4.76 11.15 15.65
CA GLY A 100 -3.64 11.93 15.17
C GLY A 100 -2.33 11.35 15.70
N ASP A 101 -2.39 10.16 16.26
CA ASP A 101 -1.21 9.49 16.78
C ASP A 101 -0.46 8.77 15.64
N VAL A 102 -1.05 8.79 14.44
CA VAL A 102 -0.44 8.13 13.30
C VAL A 102 -0.67 8.92 12.03
N LEU A 103 0.39 9.13 11.25
CA LEU A 103 0.23 9.87 10.00
C LEU A 103 -0.54 9.03 9.02
N PRO A 104 -1.26 9.67 8.09
CA PRO A 104 -2.06 8.99 7.07
C PRO A 104 -1.22 8.57 5.86
N ASP A 105 -1.62 7.49 5.18
CA ASP A 105 -0.92 6.98 4.00
C ASP A 105 -0.81 8.03 2.89
N ARG A 106 -1.82 8.91 2.81
CA ARG A 106 -1.85 9.99 1.83
C ARG A 106 -2.19 9.50 0.43
N THR A 107 -2.28 8.18 0.31
CA THR A 107 -2.62 7.53 -0.95
C THR A 107 -3.96 6.87 -0.70
N LYS A 108 -4.32 6.79 0.58
CA LYS A 108 -5.57 6.19 1.00
C LYS A 108 -6.45 7.29 1.58
N PRO A 109 -7.44 7.76 0.80
CA PRO A 109 -8.36 8.83 1.21
C PRO A 109 -9.01 8.58 2.57
N GLU A 110 -9.45 7.34 2.80
CA GLU A 110 -10.08 7.01 4.07
C GLU A 110 -9.13 7.35 5.21
N GLU A 111 -7.84 7.38 4.91
CA GLU A 111 -6.84 7.69 5.93
C GLU A 111 -6.53 9.16 6.05
N PHE A 112 -6.17 9.81 4.96
CA PHE A 112 -5.85 11.23 5.06
C PHE A 112 -7.05 12.15 5.25
N ILE A 113 -8.23 11.75 4.77
CA ILE A 113 -9.42 12.59 4.96
C ILE A 113 -9.77 12.70 6.46
N LEU A 114 -9.80 11.56 7.15
CA LEU A 114 -10.10 11.56 8.57
C LEU A 114 -9.02 12.29 9.32
N TYR A 115 -7.77 12.06 8.91
CA TYR A 115 -6.63 12.68 9.56
C TYR A 115 -6.69 14.20 9.45
N ASP A 116 -6.87 14.70 8.23
CA ASP A 116 -6.91 16.14 8.03
C ASP A 116 -8.13 16.78 8.69
N LEU A 117 -9.25 16.05 8.74
CA LEU A 117 -10.47 16.56 9.32
C LEU A 117 -10.34 16.77 10.83
N TRP A 118 -9.88 15.75 11.54
CA TRP A 118 -9.70 15.82 12.99
C TRP A 118 -8.64 16.84 13.41
N GLU A 119 -7.59 16.94 12.60
CA GLU A 119 -6.53 17.88 12.88
C GLU A 119 -7.04 19.31 12.73
N SER A 120 -7.89 19.54 11.75
CA SER A 120 -8.42 20.88 11.55
C SER A 120 -9.46 21.19 12.63
N MET A 121 -10.16 20.17 13.09
CA MET A 121 -11.18 20.38 14.13
C MET A 121 -10.48 20.68 15.44
N ARG A 122 -9.43 19.93 15.74
CA ARG A 122 -8.72 20.15 16.98
C ARG A 122 -8.05 21.51 16.95
N ALA A 123 -7.66 21.93 15.76
CA ALA A 123 -6.99 23.21 15.60
C ALA A 123 -7.98 24.36 15.79
N HIS A 124 -9.25 24.07 15.54
CA HIS A 124 -10.27 25.09 15.67
C HIS A 124 -10.80 25.22 17.10
N ASP A 125 -10.87 24.10 17.80
CA ASP A 125 -11.37 24.08 19.16
C ASP A 125 -11.08 22.70 19.72
N ALA A 126 -9.87 22.50 20.20
CA ALA A 126 -9.46 21.21 20.73
C ALA A 126 -10.33 20.68 21.87
N GLU A 127 -10.70 21.55 22.80
CA GLU A 127 -11.52 21.15 23.91
C GLU A 127 -12.80 20.42 23.45
N LEU A 128 -13.61 21.08 22.62
CA LEU A 128 -14.84 20.47 22.12
C LEU A 128 -14.60 19.42 21.04
N ALA A 129 -13.52 19.55 20.30
CA ALA A 129 -13.21 18.58 19.26
C ALA A 129 -13.06 17.20 19.92
N ASN A 130 -12.32 17.17 21.03
CA ASN A 130 -12.08 15.93 21.71
C ASN A 130 -13.36 15.35 22.28
N GLU A 131 -14.32 16.22 22.59
CA GLU A 131 -15.61 15.79 23.12
C GLU A 131 -16.36 14.91 22.12
N VAL A 132 -16.08 15.13 20.84
CA VAL A 132 -16.74 14.38 19.78
C VAL A 132 -15.97 13.11 19.43
N LEU A 133 -14.68 13.11 19.72
CA LEU A 133 -13.80 11.99 19.40
C LEU A 133 -14.22 10.58 19.83
N GLU A 134 -14.43 10.37 21.12
CA GLU A 134 -14.82 9.03 21.57
C GLU A 134 -16.18 8.61 21.04
N PRO A 135 -17.15 9.52 21.05
CA PRO A 135 -18.45 9.11 20.52
C PRO A 135 -18.35 8.55 19.11
N THR A 136 -17.52 9.17 18.26
CA THR A 136 -17.42 8.65 16.89
C THR A 136 -16.71 7.31 16.81
N PHE A 137 -15.83 7.01 17.76
CA PHE A 137 -15.16 5.72 17.75
C PHE A 137 -16.19 4.67 18.15
N VAL A 138 -16.92 4.95 19.21
CA VAL A 138 -17.97 4.04 19.66
C VAL A 138 -18.89 3.72 18.47
N PHE A 139 -19.27 4.76 17.75
CA PHE A 139 -20.14 4.63 16.60
C PHE A 139 -19.50 3.77 15.51
N MET A 140 -18.22 4.04 15.24
CA MET A 140 -17.48 3.28 14.22
C MET A 140 -17.37 1.81 14.59
N ARG A 141 -16.93 1.53 15.81
CA ARG A 141 -16.76 0.15 16.26
C ARG A 141 -18.07 -0.61 16.29
N ALA A 142 -19.19 0.11 16.43
CA ALA A 142 -20.51 -0.50 16.47
C ALA A 142 -20.95 -0.90 15.06
N GLN A 143 -20.25 -0.42 14.05
CA GLN A 143 -20.60 -0.75 12.67
C GLN A 143 -20.12 -2.14 12.26
N THR A 144 -19.20 -2.73 13.03
CA THR A 144 -18.74 -4.07 12.74
C THR A 144 -19.97 -4.91 13.04
N ASP A 145 -20.67 -5.29 11.97
CA ASP A 145 -21.91 -6.06 12.05
C ASP A 145 -21.80 -7.54 12.40
N ARG A 146 -22.57 -7.93 13.41
CA ARG A 146 -22.65 -9.29 13.91
C ARG A 146 -23.87 -9.33 14.82
N ALA A 147 -24.55 -10.48 14.89
CA ALA A 147 -25.75 -10.62 15.72
C ALA A 147 -26.76 -9.54 15.35
N ARG A 148 -27.37 -8.94 16.37
CA ARG A 148 -28.34 -7.88 16.17
C ARG A 148 -29.60 -8.38 15.45
N LEU A 149 -30.75 -8.18 16.11
CA LEU A 149 -32.08 -8.55 15.59
C LEU A 149 -32.97 -9.13 16.68
N SER A 150 -34.27 -9.21 16.37
CA SER A 150 -35.28 -9.75 17.27
C SER A 150 -35.57 -9.00 18.55
N ILE A 151 -36.54 -8.10 18.47
CA ILE A 151 -37.01 -7.32 19.59
C ILE A 151 -38.49 -7.24 19.25
N HIS A 152 -39.36 -7.73 20.13
CA HIS A 152 -40.76 -7.72 19.78
C HIS A 152 -41.70 -6.89 20.65
N GLU A 153 -41.20 -6.36 21.77
CA GLU A 153 -42.03 -5.52 22.64
C GLU A 153 -41.65 -4.05 22.47
N LEU A 154 -42.64 -3.18 22.58
CA LEU A 154 -42.43 -1.75 22.42
C LEU A 154 -41.35 -1.26 23.38
N GLY A 155 -41.55 -1.53 24.66
CA GLY A 155 -40.61 -1.11 25.69
C GLY A 155 -39.17 -1.41 25.33
N HIS A 156 -38.82 -2.69 25.23
CA HIS A 156 -37.46 -3.09 24.88
C HIS A 156 -36.94 -2.36 23.67
N TYR A 157 -37.79 -2.22 22.65
CA TYR A 157 -37.38 -1.53 21.44
C TYR A 157 -37.04 -0.07 21.67
N LEU A 158 -37.94 0.65 22.32
CA LEU A 158 -37.70 2.06 22.59
C LEU A 158 -36.46 2.25 23.46
N GLU A 159 -36.30 1.38 24.48
CA GLU A 159 -35.14 1.46 25.37
C GLU A 159 -33.86 1.27 24.56
N TYR A 160 -33.91 0.38 23.60
CA TYR A 160 -32.76 0.09 22.76
C TYR A 160 -32.41 1.28 21.86
N ARG A 161 -33.41 2.01 21.41
CA ARG A 161 -33.16 3.14 20.55
C ARG A 161 -32.62 4.33 21.33
N GLU A 162 -32.95 4.39 22.62
CA GLU A 162 -32.50 5.48 23.46
C GLU A 162 -30.98 5.46 23.54
N LYS A 163 -30.42 4.25 23.49
CA LYS A 163 -28.98 4.05 23.60
C LYS A 163 -28.23 4.12 22.26
N ASP A 164 -28.94 4.38 21.17
CA ASP A 164 -28.32 4.45 19.85
C ASP A 164 -27.03 5.28 19.87
N VAL A 165 -25.90 4.65 19.55
CA VAL A 165 -24.60 5.33 19.54
C VAL A 165 -24.48 6.49 18.56
N GLY A 166 -25.27 6.44 17.50
CA GLY A 166 -25.23 7.49 16.49
C GLY A 166 -25.90 8.77 16.95
N LYS A 167 -27.05 8.64 17.60
CA LYS A 167 -27.78 9.81 18.08
C LYS A 167 -26.93 10.45 19.16
N ALA A 168 -26.07 9.66 19.78
CA ALA A 168 -25.19 10.15 20.82
C ALA A 168 -24.12 10.98 20.14
N LEU A 169 -23.64 10.49 19.00
CA LEU A 169 -22.61 11.17 18.23
C LEU A 169 -23.18 12.50 17.78
N LEU A 170 -24.40 12.45 17.25
CA LEU A 170 -25.08 13.65 16.79
C LEU A 170 -25.10 14.75 17.84
N SER A 171 -25.43 14.38 19.07
CA SER A 171 -25.47 15.36 20.16
C SER A 171 -24.09 15.94 20.48
N ALA A 172 -23.07 15.11 20.45
CA ALA A 172 -21.71 15.57 20.72
C ALA A 172 -21.30 16.51 19.60
N LEU A 173 -21.52 16.07 18.37
CA LEU A 173 -21.19 16.89 17.23
C LEU A 173 -21.96 18.21 17.34
N MET A 174 -23.24 18.13 17.71
CA MET A 174 -24.04 19.33 17.84
C MET A 174 -23.39 20.33 18.78
N ARG A 175 -22.87 19.84 19.90
CA ARG A 175 -22.19 20.73 20.84
C ARG A 175 -20.99 21.43 20.20
N PHE A 176 -20.18 20.67 19.47
CA PHE A 176 -19.00 21.22 18.82
C PHE A 176 -19.38 22.26 17.76
N SER A 177 -20.34 21.90 16.91
CA SER A 177 -20.78 22.77 15.83
C SER A 177 -21.34 24.10 16.30
N MET A 178 -22.01 24.06 17.45
CA MET A 178 -22.60 25.26 18.01
C MET A 178 -21.64 25.95 18.98
N GLY A 179 -20.54 25.28 19.28
CA GLY A 179 -19.58 25.84 20.22
C GLY A 179 -20.13 25.87 21.63
N LEU A 180 -20.95 24.88 21.97
CA LEU A 180 -21.54 24.83 23.31
C LEU A 180 -20.57 24.21 24.29
N ARG A 181 -20.32 24.92 25.38
CA ARG A 181 -19.39 24.45 26.40
C ARG A 181 -20.14 24.16 27.70
N LEU A 182 -20.54 22.91 27.90
CA LEU A 182 -21.29 22.50 29.09
C LEU A 182 -20.44 21.76 30.12
N SER A 183 -20.93 21.73 31.35
CA SER A 183 -20.22 21.04 32.44
C SER A 183 -20.65 19.59 32.52
N ALA A 184 -19.81 18.77 33.14
CA ALA A 184 -20.11 17.35 33.31
C ALA A 184 -21.49 17.18 33.92
N ASP A 185 -21.79 17.95 34.97
CA ASP A 185 -23.10 17.85 35.61
C ASP A 185 -24.19 18.19 34.63
N GLU A 186 -24.07 19.34 33.97
CA GLU A 186 -25.06 19.78 33.00
C GLU A 186 -25.37 18.66 32.01
N LEU A 187 -24.31 18.08 31.45
CA LEU A 187 -24.43 17.01 30.48
C LEU A 187 -25.14 15.79 31.04
N GLN A 188 -24.85 15.47 32.29
CA GLN A 188 -25.46 14.32 32.95
C GLN A 188 -26.95 14.56 33.17
N ASP A 189 -27.30 15.76 33.61
CA ASP A 189 -28.70 16.10 33.87
C ASP A 189 -29.47 16.18 32.56
N MET A 190 -28.79 15.99 31.45
CA MET A 190 -29.42 16.05 30.16
C MET A 190 -29.82 14.66 29.66
N LYS A 191 -29.35 13.62 30.34
CA LYS A 191 -29.62 12.24 29.96
C LYS A 191 -31.06 11.95 29.57
N ALA A 192 -31.98 12.23 30.47
CA ALA A 192 -33.39 11.98 30.22
C ALA A 192 -33.82 12.66 28.92
N LEU A 193 -33.64 13.97 28.87
CA LEU A 193 -34.01 14.77 27.71
C LEU A 193 -33.40 14.16 26.45
N GLU A 194 -32.16 13.69 26.55
CA GLU A 194 -31.44 13.08 25.44
C GLU A 194 -32.09 11.77 25.00
N ALA A 195 -32.46 10.93 25.96
CA ALA A 195 -33.09 9.66 25.66
C ALA A 195 -34.41 9.88 24.93
N ASN A 196 -35.21 10.80 25.44
CA ASN A 196 -36.49 11.11 24.84
C ASN A 196 -36.26 11.49 23.38
N CYS A 197 -35.25 12.32 23.13
CA CYS A 197 -34.93 12.76 21.78
C CYS A 197 -34.51 11.62 20.87
N ALA A 198 -33.58 10.80 21.34
CA ALA A 198 -33.08 9.65 20.56
C ALA A 198 -34.22 8.73 20.18
N LYS A 199 -35.16 8.58 21.11
CA LYS A 199 -36.32 7.74 20.91
C LYS A 199 -37.27 8.33 19.87
N GLN A 200 -37.55 9.63 20.00
CA GLN A 200 -38.44 10.30 19.07
C GLN A 200 -37.83 10.22 17.69
N LEU A 201 -36.54 10.51 17.60
CA LEU A 201 -35.81 10.48 16.35
C LEU A 201 -35.97 9.15 15.61
N SER A 202 -35.85 8.05 16.34
CA SER A 202 -35.98 6.71 15.75
C SER A 202 -37.36 6.38 15.21
N VAL A 203 -38.38 6.59 16.02
CA VAL A 203 -39.75 6.30 15.60
C VAL A 203 -40.12 7.08 14.33
N VAL A 204 -39.84 8.39 14.30
CA VAL A 204 -40.15 9.16 13.09
C VAL A 204 -39.41 8.57 11.89
N ASN A 205 -38.20 8.07 12.12
CA ASN A 205 -37.44 7.46 11.04
C ASN A 205 -38.16 6.20 10.58
N ASP A 206 -38.49 5.32 11.53
CA ASP A 206 -39.19 4.08 11.20
C ASP A 206 -40.47 4.30 10.43
N ILE A 207 -41.28 5.25 10.90
CA ILE A 207 -42.55 5.54 10.25
C ILE A 207 -42.34 5.81 8.77
N TYR A 208 -41.29 6.55 8.42
CA TYR A 208 -41.02 6.87 7.03
C TYR A 208 -40.19 5.84 6.27
N SER A 209 -39.52 4.95 7.01
CA SER A 209 -38.70 3.96 6.35
C SER A 209 -39.34 2.59 6.29
N TYR A 210 -40.54 2.44 6.86
CA TYR A 210 -41.20 1.14 6.87
C TYR A 210 -41.45 0.51 5.50
N ASP A 211 -42.12 1.26 4.63
CA ASP A 211 -42.43 0.76 3.31
C ASP A 211 -41.20 0.25 2.57
N LYS A 212 -40.21 1.12 2.40
CA LYS A 212 -38.99 0.75 1.69
C LYS A 212 -38.29 -0.46 2.31
N GLU A 213 -38.39 -0.61 3.63
CA GLU A 213 -37.75 -1.73 4.30
C GLU A 213 -38.52 -3.01 4.04
N GLU A 214 -39.30 -3.03 2.97
CA GLU A 214 -40.09 -4.21 2.61
C GLU A 214 -39.53 -4.96 1.41
N GLU A 215 -39.10 -6.19 1.68
CA GLU A 215 -38.51 -7.04 0.66
C GLU A 215 -38.39 -8.50 1.16
N ALA A 216 -37.89 -8.65 2.39
CA ALA A 216 -37.71 -9.97 3.00
C ALA A 216 -37.40 -9.83 4.49
N LEU A 227 -36.29 -7.53 11.12
CA LEU A 227 -36.55 -6.08 10.89
C LEU A 227 -36.81 -5.35 12.21
N CYS A 228 -35.89 -4.45 12.59
CA CYS A 228 -36.01 -3.69 13.83
C CYS A 228 -36.73 -2.38 13.53
N SER A 229 -38.05 -2.38 13.67
CA SER A 229 -38.86 -1.19 13.43
C SER A 229 -39.97 -1.06 14.44
N ALA A 230 -40.20 0.15 14.92
CA ALA A 230 -41.27 0.39 15.88
C ALA A 230 -42.59 0.07 15.17
N VAL A 231 -42.65 0.36 13.87
CA VAL A 231 -43.87 0.09 13.10
C VAL A 231 -44.20 -1.40 13.10
N LYS A 232 -43.20 -2.25 12.96
CA LYS A 232 -43.43 -3.68 12.97
C LYS A 232 -43.80 -4.12 14.39
N VAL A 233 -42.94 -3.77 15.37
CA VAL A 233 -43.18 -4.15 16.76
C VAL A 233 -44.58 -3.82 17.26
N LEU A 234 -44.98 -2.56 17.17
CA LEU A 234 -46.30 -2.16 17.66
C LEU A 234 -47.43 -2.81 16.87
N ALA A 235 -47.34 -2.77 15.55
CA ALA A 235 -48.37 -3.37 14.70
C ALA A 235 -48.67 -4.81 15.12
N GLU A 236 -47.64 -5.53 15.56
CA GLU A 236 -47.87 -6.90 15.98
C GLU A 236 -48.53 -6.93 17.36
N GLU A 237 -47.91 -6.27 18.32
CA GLU A 237 -48.43 -6.21 19.67
C GLU A 237 -49.88 -5.73 19.78
N SER A 238 -50.28 -4.81 18.91
CA SER A 238 -51.63 -4.27 18.95
C SER A 238 -52.55 -4.89 17.90
N LYS A 239 -51.99 -5.71 17.02
CA LYS A 239 -52.77 -6.33 15.95
C LYS A 239 -53.49 -5.30 15.08
N LEU A 240 -52.81 -4.20 14.77
CA LEU A 240 -53.39 -3.18 13.91
C LEU A 240 -52.73 -3.23 12.53
N GLY A 241 -53.35 -2.58 11.55
CA GLY A 241 -52.79 -2.56 10.21
C GLY A 241 -51.65 -1.58 10.18
N ILE A 242 -50.85 -1.56 9.11
CA ILE A 242 -49.73 -0.63 9.08
C ILE A 242 -50.18 0.82 9.17
N PRO A 243 -51.20 1.22 8.38
CA PRO A 243 -51.66 2.62 8.44
C PRO A 243 -52.06 3.04 9.86
N ALA A 244 -52.83 2.18 10.52
CA ALA A 244 -53.28 2.44 11.88
C ALA A 244 -52.08 2.58 12.81
N THR A 245 -51.18 1.59 12.73
CA THR A 245 -49.97 1.58 13.56
C THR A 245 -49.21 2.89 13.40
N LYS A 246 -49.06 3.32 12.15
CA LYS A 246 -48.37 4.57 11.88
C LYS A 246 -49.08 5.74 12.56
N ARG A 247 -50.41 5.78 12.42
CA ARG A 247 -51.20 6.86 13.04
C ARG A 247 -51.00 6.88 14.56
N VAL A 248 -50.89 5.69 15.16
CA VAL A 248 -50.67 5.57 16.60
C VAL A 248 -49.25 6.03 16.95
N LEU A 249 -48.27 5.52 16.22
CA LEU A 249 -46.87 5.90 16.42
C LEU A 249 -46.73 7.44 16.33
N TRP A 250 -47.47 8.05 15.41
CA TRP A 250 -47.42 9.51 15.29
C TRP A 250 -47.94 10.17 16.56
N SER A 251 -49.02 9.64 17.12
CA SER A 251 -49.58 10.19 18.35
C SER A 251 -48.53 10.13 19.45
N MET A 252 -47.89 8.98 19.57
CA MET A 252 -46.85 8.82 20.57
C MET A 252 -45.70 9.80 20.31
N THR A 253 -45.34 9.95 19.04
CA THR A 253 -44.27 10.85 18.68
C THR A 253 -44.59 12.27 19.17
N ARG A 254 -45.76 12.75 18.81
CA ARG A 254 -46.16 14.10 19.21
C ARG A 254 -46.25 14.21 20.74
N GLU A 255 -46.56 13.09 21.38
CA GLU A 255 -46.67 13.04 22.83
C GLU A 255 -45.28 13.23 23.44
N TRP A 256 -44.29 12.54 22.86
CA TRP A 256 -42.89 12.66 23.31
C TRP A 256 -42.34 14.07 23.11
N GLU A 257 -42.86 14.78 22.11
CA GLU A 257 -42.42 16.14 21.87
C GLU A 257 -42.87 17.01 23.04
N THR A 258 -44.02 16.67 23.61
CA THR A 258 -44.54 17.42 24.75
C THR A 258 -43.65 17.10 25.97
N VAL A 259 -43.23 15.84 26.09
CA VAL A 259 -42.35 15.46 27.20
C VAL A 259 -41.08 16.32 27.10
N HIS A 260 -40.61 16.53 25.88
CA HIS A 260 -39.43 17.33 25.66
C HIS A 260 -39.66 18.73 26.19
N ASP A 261 -40.67 19.40 25.66
CA ASP A 261 -41.01 20.75 26.07
C ASP A 261 -41.16 20.83 27.60
N GLU A 262 -41.85 19.85 28.16
CA GLU A 262 -42.06 19.82 29.60
C GLU A 262 -40.74 19.77 30.36
N ILE A 263 -39.86 18.86 29.97
CA ILE A 263 -38.57 18.75 30.64
C ILE A 263 -37.78 20.05 30.53
N VAL A 264 -37.77 20.63 29.33
CA VAL A 264 -37.04 21.88 29.13
C VAL A 264 -37.56 22.95 30.07
N ALA A 265 -38.84 23.31 29.92
CA ALA A 265 -39.46 24.32 30.77
C ALA A 265 -39.08 24.12 32.25
N GLU A 266 -39.14 22.88 32.71
CA GLU A 266 -38.82 22.55 34.09
C GLU A 266 -37.36 22.87 34.43
N LYS A 267 -36.45 22.47 33.54
CA LYS A 267 -35.02 22.72 33.74
C LYS A 267 -34.71 24.20 33.75
N ILE A 268 -35.39 24.94 32.89
CA ILE A 268 -35.18 26.37 32.82
C ILE A 268 -35.72 27.03 34.08
N ALA A 269 -37.00 26.81 34.37
CA ALA A 269 -37.61 27.41 35.55
C ALA A 269 -37.05 26.84 36.86
N SER A 270 -36.13 25.89 36.77
CA SER A 270 -35.53 25.30 37.96
C SER A 270 -34.92 26.37 38.86
N PRO A 271 -34.88 26.11 40.18
CA PRO A 271 -34.33 27.05 41.16
C PRO A 271 -32.82 27.20 41.02
N ASP A 272 -32.16 26.09 40.72
CA ASP A 272 -30.71 26.06 40.55
C ASP A 272 -30.31 26.78 39.27
N GLY A 273 -31.31 27.27 38.55
CA GLY A 273 -31.04 27.98 37.31
C GLY A 273 -30.68 27.09 36.13
N CYS A 274 -30.72 27.69 34.94
CA CYS A 274 -30.40 26.97 33.72
C CYS A 274 -29.42 27.79 32.88
N SER A 275 -28.24 27.23 32.66
CA SER A 275 -27.19 27.89 31.89
C SER A 275 -27.58 28.38 30.49
N GLU A 276 -26.83 29.34 29.98
CA GLU A 276 -27.09 29.88 28.65
C GLU A 276 -26.73 28.80 27.64
N ALA A 277 -25.65 28.08 27.90
CA ALA A 277 -25.20 27.01 27.03
C ALA A 277 -26.15 25.83 27.11
N ALA A 278 -26.72 25.62 28.28
CA ALA A 278 -27.66 24.53 28.49
C ALA A 278 -28.90 24.76 27.63
N LYS A 279 -29.42 25.99 27.67
CA LYS A 279 -30.60 26.34 26.90
C LYS A 279 -30.37 26.13 25.41
N ALA A 280 -29.22 26.58 24.93
CA ALA A 280 -28.89 26.42 23.52
C ALA A 280 -28.87 24.95 23.15
N TYR A 281 -28.36 24.13 24.05
CA TYR A 281 -28.26 22.69 23.87
C TYR A 281 -29.65 22.06 23.71
N MET A 282 -30.56 22.40 24.62
CA MET A 282 -31.90 21.83 24.57
C MET A 282 -32.61 22.28 23.29
N LYS A 283 -32.49 23.56 22.95
CA LYS A 283 -33.12 24.07 21.74
C LYS A 283 -32.53 23.33 20.55
N GLY A 284 -31.24 23.01 20.64
CA GLY A 284 -30.55 22.29 19.58
C GLY A 284 -31.16 20.92 19.36
N LEU A 285 -31.47 20.21 20.45
CA LEU A 285 -32.08 18.90 20.32
C LEU A 285 -33.42 19.00 19.60
N GLU A 286 -34.15 20.07 19.86
CA GLU A 286 -35.44 20.25 19.21
C GLU A 286 -35.25 20.33 17.71
N TYR A 287 -34.20 21.02 17.28
CA TYR A 287 -33.95 21.12 15.86
C TYR A 287 -33.55 19.78 15.22
N GLN A 288 -32.84 18.94 15.97
CA GLN A 288 -32.49 17.64 15.40
C GLN A 288 -33.80 16.91 15.09
N MET A 289 -34.73 16.94 16.05
CA MET A 289 -36.02 16.28 15.85
C MET A 289 -36.88 16.91 14.77
N SER A 290 -37.03 18.23 14.79
CA SER A 290 -37.83 18.90 13.76
C SER A 290 -37.14 18.77 12.42
N GLY A 291 -35.81 18.87 12.44
CA GLY A 291 -35.06 18.75 11.20
C GLY A 291 -35.08 17.32 10.69
N ASN A 292 -34.96 16.35 11.59
CA ASN A 292 -34.96 14.96 11.20
C ASN A 292 -36.26 14.62 10.49
N GLU A 293 -37.36 15.13 11.01
CA GLU A 293 -38.65 14.85 10.38
C GLU A 293 -38.69 15.49 9.01
N GLN A 294 -38.42 16.79 8.95
CA GLN A 294 -38.43 17.50 7.68
C GLN A 294 -37.67 16.69 6.65
N TRP A 295 -36.48 16.23 7.03
CA TRP A 295 -35.67 15.43 6.15
C TRP A 295 -36.41 14.14 5.79
N SER A 296 -36.81 13.38 6.81
CA SER A 296 -37.51 12.12 6.58
C SER A 296 -38.68 12.18 5.60
N LYS A 297 -39.45 13.27 5.63
CA LYS A 297 -40.57 13.41 4.69
C LYS A 297 -39.96 13.38 3.31
N THR A 298 -39.35 14.50 2.96
CA THR A 298 -38.69 14.70 1.67
C THR A 298 -37.33 14.02 1.59
N THR A 299 -37.31 12.80 1.08
CA THR A 299 -36.05 12.07 0.99
C THR A 299 -36.05 10.91 -0.01
N ARG A 300 -34.93 10.20 -0.04
CA ARG A 300 -34.73 9.04 -0.92
C ARG A 300 -35.43 9.21 -2.26
N THR B 1 26.76 -36.43 -13.45
CA THR B 1 27.59 -36.31 -14.69
C THR B 1 28.82 -35.42 -14.49
N PRO B 2 28.64 -34.21 -13.90
CA PRO B 2 29.79 -33.32 -13.70
C PRO B 2 30.89 -33.93 -12.83
N PRO B 3 32.16 -33.87 -13.29
CA PRO B 3 33.24 -34.44 -12.49
C PRO B 3 33.33 -33.73 -11.14
N PRO B 4 34.07 -34.30 -10.19
CA PRO B 4 34.15 -33.63 -8.89
C PRO B 4 34.77 -32.24 -9.02
N THR B 5 34.53 -31.40 -8.02
CA THR B 5 35.07 -30.04 -7.98
C THR B 5 35.57 -29.79 -6.57
N GLN B 6 36.72 -29.15 -6.46
CA GLN B 6 37.31 -28.87 -5.14
C GLN B 6 36.55 -27.80 -4.39
N TRP B 7 35.77 -26.99 -5.12
CA TRP B 7 35.02 -25.89 -4.52
C TRP B 7 33.60 -26.16 -4.02
N SER B 8 33.21 -25.43 -2.98
CA SER B 8 31.87 -25.55 -2.39
C SER B 8 31.13 -24.24 -2.56
N TYR B 9 29.97 -24.29 -3.21
CA TYR B 9 29.20 -23.07 -3.41
C TYR B 9 28.63 -22.63 -2.06
N LEU B 10 28.01 -21.45 -2.06
CA LEU B 10 27.43 -20.90 -0.85
C LEU B 10 26.34 -19.91 -1.26
N CYS B 11 25.28 -19.82 -0.47
CA CYS B 11 24.20 -18.89 -0.78
C CYS B 11 24.18 -17.86 0.34
N HIS B 12 23.92 -16.60 0.00
CA HIS B 12 23.90 -15.58 1.03
C HIS B 12 22.85 -15.91 2.08
N PRO B 13 23.25 -15.89 3.34
CA PRO B 13 22.39 -16.19 4.50
C PRO B 13 20.99 -15.55 4.47
N ARG B 14 20.90 -14.29 4.05
CA ARG B 14 19.61 -13.60 4.03
C ARG B 14 18.87 -13.72 2.69
N VAL B 15 19.17 -14.75 1.92
CA VAL B 15 18.55 -14.91 0.62
C VAL B 15 17.02 -14.84 0.68
N LYS B 16 16.42 -15.52 1.66
CA LYS B 16 14.97 -15.54 1.76
C LYS B 16 14.33 -14.18 2.00
N GLU B 17 14.78 -13.45 3.02
CA GLU B 17 14.21 -12.13 3.31
C GLU B 17 14.45 -11.16 2.16
N VAL B 18 15.69 -11.12 1.70
CA VAL B 18 16.06 -10.22 0.61
C VAL B 18 15.27 -10.51 -0.66
N GLN B 19 15.06 -11.78 -0.95
CA GLN B 19 14.31 -12.13 -2.15
C GLN B 19 12.89 -11.60 -2.08
N ASP B 20 12.27 -11.71 -0.91
CA ASP B 20 10.93 -11.21 -0.74
C ASP B 20 11.01 -9.70 -0.91
N GLU B 21 11.87 -9.06 -0.11
CA GLU B 21 12.07 -7.62 -0.16
C GLU B 21 12.20 -7.11 -1.60
N VAL B 22 13.25 -7.52 -2.30
CA VAL B 22 13.47 -7.04 -3.66
C VAL B 22 12.38 -7.40 -4.67
N ASP B 23 12.01 -8.67 -4.79
CA ASP B 23 10.95 -9.05 -5.74
C ASP B 23 9.72 -8.21 -5.47
N GLY B 24 9.43 -8.00 -4.17
CA GLY B 24 8.29 -7.22 -3.79
C GLY B 24 8.37 -5.81 -4.32
N TYR B 25 9.54 -5.19 -4.13
CA TYR B 25 9.74 -3.83 -4.59
C TYR B 25 9.36 -3.74 -6.06
N PHE B 26 9.83 -4.70 -6.86
CA PHE B 26 9.52 -4.68 -8.28
C PHE B 26 8.07 -4.99 -8.60
N LEU B 27 7.45 -5.87 -7.82
CA LEU B 27 6.04 -6.16 -8.03
C LEU B 27 5.24 -4.86 -7.77
N GLU B 28 5.78 -4.02 -6.90
CA GLU B 28 5.17 -2.74 -6.54
C GLU B 28 5.45 -1.58 -7.48
N ASN B 29 6.58 -1.61 -8.18
CA ASN B 29 6.94 -0.49 -9.04
C ASN B 29 7.06 -0.72 -10.54
N TRP B 30 7.50 -1.90 -10.93
CA TRP B 30 7.68 -2.16 -12.34
C TRP B 30 6.35 -2.39 -13.06
N LYS B 31 6.20 -1.76 -14.22
CA LYS B 31 4.99 -1.87 -15.02
C LYS B 31 5.02 -3.18 -15.81
N PHE B 32 4.70 -4.30 -15.18
CA PHE B 32 4.70 -5.55 -15.91
C PHE B 32 3.58 -5.56 -16.93
N PRO B 33 3.85 -6.10 -18.12
CA PRO B 33 2.89 -6.17 -19.23
C PRO B 33 1.66 -7.01 -18.93
N SER B 34 1.82 -8.05 -18.11
CA SER B 34 0.71 -8.94 -17.79
C SER B 34 1.00 -9.80 -16.58
N PHE B 35 0.01 -10.58 -16.17
CA PHE B 35 0.17 -11.44 -15.03
C PHE B 35 1.09 -12.59 -15.38
N LYS B 36 1.04 -13.04 -16.63
CA LYS B 36 1.91 -14.12 -17.08
C LYS B 36 3.37 -13.63 -16.98
N ALA B 37 3.57 -12.35 -17.26
CA ALA B 37 4.90 -11.75 -17.19
C ALA B 37 5.39 -11.82 -15.74
N VAL B 38 4.51 -11.50 -14.80
CA VAL B 38 4.84 -11.53 -13.38
C VAL B 38 5.26 -12.96 -13.01
N ARG B 39 4.54 -13.93 -13.55
CA ARG B 39 4.85 -15.32 -13.26
C ARG B 39 6.26 -15.61 -13.75
N THR B 40 6.53 -15.16 -14.97
CA THR B 40 7.83 -15.35 -15.59
C THR B 40 8.93 -14.69 -14.77
N PHE B 41 8.68 -13.45 -14.36
CA PHE B 41 9.63 -12.69 -13.57
C PHE B 41 9.97 -13.48 -12.32
N LEU B 42 8.96 -13.92 -11.57
CA LEU B 42 9.17 -14.63 -10.33
C LEU B 42 9.91 -15.96 -10.50
N ASP B 43 9.63 -16.67 -11.57
CA ASP B 43 10.30 -17.95 -11.81
C ASP B 43 11.79 -17.78 -12.06
N ALA B 44 12.21 -16.55 -12.35
CA ALA B 44 13.63 -16.25 -12.60
C ALA B 44 14.44 -16.22 -11.30
N LYS B 45 13.78 -15.85 -10.21
CA LYS B 45 14.43 -15.78 -8.91
C LYS B 45 15.76 -15.04 -8.92
N PHE B 46 15.76 -13.85 -9.55
CA PHE B 46 16.95 -13.03 -9.65
C PHE B 46 17.71 -12.84 -8.35
N SER B 47 17.02 -12.57 -7.26
CA SER B 47 17.69 -12.37 -5.97
C SER B 47 18.40 -13.65 -5.50
N GLU B 48 17.85 -14.80 -5.85
CA GLU B 48 18.46 -16.05 -5.46
C GLU B 48 19.80 -16.22 -6.19
N VAL B 49 19.77 -15.92 -7.48
CA VAL B 49 20.96 -16.01 -8.33
C VAL B 49 22.04 -15.09 -7.76
N THR B 50 21.65 -13.84 -7.51
CA THR B 50 22.57 -12.85 -6.95
C THR B 50 23.16 -13.40 -5.65
N CYS B 51 22.32 -14.00 -4.82
CA CYS B 51 22.78 -14.54 -3.56
C CYS B 51 23.72 -15.74 -3.68
N LEU B 52 23.71 -16.39 -4.84
CA LEU B 52 24.58 -17.53 -5.06
C LEU B 52 25.92 -17.01 -5.57
N TYR B 53 25.88 -15.86 -6.24
CA TYR B 53 27.08 -15.26 -6.79
C TYR B 53 27.87 -14.48 -5.75
N PHE B 54 27.17 -13.81 -4.85
CA PHE B 54 27.82 -12.98 -3.84
C PHE B 54 27.52 -13.42 -2.39
N PRO B 55 27.67 -14.72 -2.08
CA PRO B 55 27.39 -15.17 -0.72
C PRO B 55 28.20 -14.50 0.39
N LEU B 56 29.27 -13.81 0.05
CA LEU B 56 30.09 -13.16 1.06
C LEU B 56 29.79 -11.66 1.12
N ALA B 57 28.69 -11.27 0.48
CA ALA B 57 28.31 -9.86 0.49
C ALA B 57 27.89 -9.46 1.89
N LEU B 58 28.13 -8.20 2.25
CA LEU B 58 27.73 -7.69 3.57
C LEU B 58 26.21 -7.71 3.67
N ASP B 59 25.69 -8.09 4.84
CA ASP B 59 24.24 -8.17 5.03
C ASP B 59 23.46 -6.93 4.64
N ASP B 60 24.02 -5.76 4.89
CA ASP B 60 23.36 -4.51 4.57
C ASP B 60 23.61 -4.02 3.15
N ARG B 61 24.22 -4.88 2.32
CA ARG B 61 24.50 -4.52 0.94
C ARG B 61 23.94 -5.51 -0.07
N ILE B 62 23.87 -6.79 0.30
CA ILE B 62 23.37 -7.80 -0.62
C ILE B 62 22.11 -7.40 -1.39
N HIS B 63 21.21 -6.63 -0.77
CA HIS B 63 19.98 -6.22 -1.46
C HIS B 63 20.23 -5.25 -2.61
N PHE B 64 21.31 -4.49 -2.53
CA PHE B 64 21.65 -3.55 -3.61
C PHE B 64 21.98 -4.36 -4.86
N ALA B 65 22.79 -5.40 -4.65
CA ALA B 65 23.20 -6.28 -5.73
C ALA B 65 21.97 -6.90 -6.39
N CYS B 66 21.05 -7.38 -5.56
CA CYS B 66 19.83 -7.99 -6.07
C CYS B 66 19.02 -6.96 -6.84
N ARG B 67 18.89 -5.76 -6.27
CA ARG B 67 18.14 -4.72 -6.94
C ARG B 67 18.77 -4.36 -8.27
N LEU B 68 20.07 -4.07 -8.28
CA LEU B 68 20.78 -3.70 -9.51
C LEU B 68 20.68 -4.76 -10.61
N LEU B 69 20.94 -6.02 -10.24
CA LEU B 69 20.87 -7.09 -11.23
C LEU B 69 19.45 -7.27 -11.76
N THR B 70 18.47 -7.23 -10.86
CA THR B 70 17.09 -7.40 -11.27
C THR B 70 16.66 -6.37 -12.31
N VAL B 71 16.83 -5.09 -12.00
CA VAL B 71 16.42 -4.05 -12.94
C VAL B 71 17.21 -4.14 -14.25
N LEU B 72 18.47 -4.58 -14.16
CA LEU B 72 19.32 -4.71 -15.34
C LEU B 72 18.83 -5.82 -16.26
N PHE B 73 18.29 -6.89 -15.69
CA PHE B 73 17.76 -7.98 -16.50
C PHE B 73 16.44 -7.55 -17.10
N LEU B 74 15.66 -6.81 -16.31
CA LEU B 74 14.38 -6.31 -16.80
C LEU B 74 14.69 -5.41 -17.99
N ILE B 75 15.65 -4.51 -17.82
CA ILE B 75 16.03 -3.61 -18.89
C ILE B 75 16.58 -4.40 -20.08
N ASP B 76 17.48 -5.34 -19.82
CA ASP B 76 18.05 -6.14 -20.90
C ASP B 76 16.98 -6.75 -21.77
N ASP B 77 15.92 -7.24 -21.16
CA ASP B 77 14.84 -7.85 -21.93
C ASP B 77 14.09 -6.79 -22.75
N VAL B 78 13.97 -5.59 -22.20
CA VAL B 78 13.28 -4.52 -22.90
C VAL B 78 14.05 -4.15 -24.17
N LEU B 79 15.36 -3.95 -24.00
CA LEU B 79 16.22 -3.59 -25.13
C LEU B 79 16.19 -4.65 -26.22
N GLU B 80 16.08 -5.91 -25.83
CA GLU B 80 16.06 -6.99 -26.80
C GLU B 80 14.82 -6.96 -27.69
N HIS B 81 13.78 -6.27 -27.26
CA HIS B 81 12.56 -6.23 -28.05
C HIS B 81 12.30 -4.93 -28.80
N MET B 82 13.29 -4.03 -28.80
CA MET B 82 13.15 -2.76 -29.50
C MET B 82 14.32 -2.50 -30.44
N SER B 83 14.01 -1.92 -31.60
CA SER B 83 15.00 -1.62 -32.63
C SER B 83 16.31 -1.11 -32.06
N PHE B 84 17.40 -1.32 -32.80
CA PHE B 84 18.71 -0.86 -32.35
C PHE B 84 18.70 0.62 -31.97
N ALA B 85 18.05 1.43 -32.80
CA ALA B 85 17.96 2.86 -32.56
C ALA B 85 17.18 3.18 -31.29
N ASP B 86 15.97 2.62 -31.20
CA ASP B 86 15.12 2.84 -30.03
C ASP B 86 15.85 2.38 -28.77
N GLY B 87 16.57 1.26 -28.88
CA GLY B 87 17.30 0.73 -27.76
C GLY B 87 18.38 1.71 -27.34
N GLU B 88 19.18 2.14 -28.31
CA GLU B 88 20.26 3.07 -28.05
C GLU B 88 19.74 4.33 -27.35
N ALA B 89 18.58 4.80 -27.79
CA ALA B 89 17.96 5.98 -27.22
C ALA B 89 17.56 5.70 -25.77
N TYR B 90 16.98 4.51 -25.56
CA TYR B 90 16.53 4.07 -24.25
C TYR B 90 17.66 4.24 -23.22
N ASN B 91 18.83 3.67 -23.52
CA ASN B 91 19.99 3.77 -22.63
C ASN B 91 20.44 5.21 -22.45
N ASN B 92 20.39 5.98 -23.53
CA ASN B 92 20.77 7.39 -23.48
C ASN B 92 19.93 8.11 -22.45
N ARG B 93 18.69 7.68 -22.28
CA ARG B 93 17.82 8.32 -21.32
C ARG B 93 18.16 7.92 -19.88
N LEU B 94 18.42 6.63 -19.68
CA LEU B 94 18.72 6.11 -18.35
C LEU B 94 20.10 6.37 -17.74
N ILE B 95 21.17 6.26 -18.53
CA ILE B 95 22.51 6.48 -18.00
C ILE B 95 22.69 7.83 -17.28
N PRO B 96 22.21 8.93 -17.89
CA PRO B 96 22.35 10.24 -17.23
C PRO B 96 21.61 10.25 -15.89
N ILE B 97 20.49 9.53 -15.83
CA ILE B 97 19.70 9.46 -14.61
C ILE B 97 20.41 8.59 -13.59
N SER B 98 21.05 7.52 -14.06
CA SER B 98 21.77 6.60 -13.20
C SER B 98 22.92 7.32 -12.54
N ARG B 99 23.47 8.31 -13.24
CA ARG B 99 24.58 9.09 -12.69
C ARG B 99 23.99 9.99 -11.61
N GLY B 100 22.74 10.40 -11.84
CA GLY B 100 22.07 11.28 -10.89
C GLY B 100 22.13 12.72 -11.39
N ASP B 101 22.54 12.91 -12.64
CA ASP B 101 22.64 14.25 -13.21
C ASP B 101 21.29 14.69 -13.73
N VAL B 102 20.31 13.79 -13.67
CA VAL B 102 18.97 14.08 -14.16
C VAL B 102 17.90 13.44 -13.27
N LEU B 103 16.90 14.22 -12.89
CA LEU B 103 15.82 13.67 -12.07
C LEU B 103 14.99 12.71 -12.92
N PRO B 104 14.38 11.71 -12.27
CA PRO B 104 13.54 10.70 -12.93
C PRO B 104 12.12 11.20 -13.15
N ASP B 105 11.45 10.69 -14.18
CA ASP B 105 10.07 11.07 -14.52
C ASP B 105 9.11 10.80 -13.35
N ARG B 106 9.41 9.73 -12.61
CA ARG B 106 8.61 9.35 -11.43
C ARG B 106 7.31 8.67 -11.84
N THR B 107 7.06 8.65 -13.14
CA THR B 107 5.87 8.02 -13.70
C THR B 107 6.39 6.86 -14.52
N LYS B 108 7.70 6.89 -14.76
CA LYS B 108 8.37 5.86 -15.52
C LYS B 108 9.30 5.09 -14.58
N PRO B 109 8.89 3.89 -14.15
CA PRO B 109 9.66 3.04 -13.24
C PRO B 109 11.10 2.81 -13.67
N GLU B 110 11.30 2.57 -14.97
CA GLU B 110 12.64 2.35 -15.49
C GLU B 110 13.52 3.54 -15.15
N GLU B 111 12.88 4.69 -14.96
CA GLU B 111 13.62 5.91 -14.63
C GLU B 111 13.82 6.11 -13.14
N PHE B 112 12.75 6.12 -12.36
CA PHE B 112 12.93 6.35 -10.94
C PHE B 112 13.56 5.19 -10.16
N ILE B 113 13.37 3.96 -10.64
CA ILE B 113 13.96 2.80 -9.96
C ILE B 113 15.49 2.88 -10.03
N LEU B 114 16.01 3.14 -11.22
CA LEU B 114 17.45 3.25 -11.40
C LEU B 114 17.96 4.45 -10.61
N TYR B 115 17.21 5.54 -10.67
CA TYR B 115 17.59 6.75 -9.98
C TYR B 115 17.69 6.53 -8.48
N ASP B 116 16.63 6.01 -7.89
CA ASP B 116 16.63 5.79 -6.45
C ASP B 116 17.68 4.76 -6.02
N LEU B 117 17.91 3.77 -6.87
CA LEU B 117 18.88 2.71 -6.56
C LEU B 117 20.30 3.25 -6.45
N TRP B 118 20.73 3.97 -7.49
CA TRP B 118 22.08 4.54 -7.52
C TRP B 118 22.31 5.58 -6.44
N GLU B 119 21.27 6.36 -6.15
CA GLU B 119 21.36 7.39 -5.13
C GLU B 119 21.53 6.74 -3.76
N SER B 120 20.84 5.63 -3.52
CA SER B 120 20.95 4.97 -2.24
C SER B 120 22.29 4.26 -2.14
N MET B 121 22.80 3.79 -3.28
CA MET B 121 24.08 3.10 -3.29
C MET B 121 25.19 4.10 -3.02
N ARG B 122 25.11 5.25 -3.70
CA ARG B 122 26.13 6.28 -3.50
C ARG B 122 26.07 6.81 -2.07
N ALA B 123 24.88 6.83 -1.50
CA ALA B 123 24.70 7.31 -0.14
C ALA B 123 25.27 6.32 0.85
N HIS B 124 25.35 5.06 0.46
CA HIS B 124 25.86 4.04 1.36
C HIS B 124 27.38 3.93 1.32
N ASP B 125 27.96 4.13 0.13
CA ASP B 125 29.40 4.03 -0.07
C ASP B 125 29.69 4.58 -1.47
N ALA B 126 29.80 5.90 -1.59
CA ALA B 126 30.04 6.54 -2.87
C ALA B 126 31.30 6.07 -3.58
N GLU B 127 32.37 5.89 -2.82
CA GLU B 127 33.63 5.46 -3.41
C GLU B 127 33.43 4.17 -4.23
N LEU B 128 32.95 3.11 -3.60
CA LEU B 128 32.74 1.85 -4.29
C LEU B 128 31.52 1.86 -5.21
N ALA B 129 30.54 2.69 -4.89
CA ALA B 129 29.35 2.76 -5.73
C ALA B 129 29.79 3.18 -7.13
N ASN B 130 30.62 4.22 -7.18
CA ASN B 130 31.08 4.72 -8.46
C ASN B 130 31.91 3.70 -9.24
N GLU B 131 32.57 2.81 -8.50
CA GLU B 131 33.36 1.76 -9.12
C GLU B 131 32.50 0.83 -9.96
N VAL B 132 31.23 0.73 -9.60
CA VAL B 132 30.33 -0.14 -10.32
C VAL B 132 29.63 0.59 -11.45
N LEU B 133 29.57 1.91 -11.34
CA LEU B 133 28.89 2.75 -12.33
C LEU B 133 29.24 2.57 -13.81
N GLU B 134 30.51 2.75 -14.17
CA GLU B 134 30.88 2.61 -15.57
C GLU B 134 30.69 1.19 -16.09
N PRO B 135 31.08 0.18 -15.28
CA PRO B 135 30.88 -1.18 -15.77
C PRO B 135 29.43 -1.44 -16.20
N THR B 136 28.47 -0.94 -15.42
CA THR B 136 27.08 -1.19 -15.79
C THR B 136 26.66 -0.42 -17.05
N PHE B 137 27.28 0.72 -17.31
CA PHE B 137 26.93 1.45 -18.53
C PHE B 137 27.46 0.67 -19.72
N VAL B 138 28.71 0.23 -19.62
CA VAL B 138 29.32 -0.57 -20.68
C VAL B 138 28.41 -1.75 -20.99
N PHE B 139 27.96 -2.41 -19.93
CA PHE B 139 27.07 -3.55 -20.06
C PHE B 139 25.75 -3.15 -20.73
N MET B 140 25.19 -2.02 -20.30
CA MET B 140 23.93 -1.55 -20.87
C MET B 140 24.06 -1.23 -22.35
N ARG B 141 25.08 -0.45 -22.70
CA ARG B 141 25.30 -0.08 -24.08
C ARG B 141 25.61 -1.26 -24.99
N ALA B 142 26.13 -2.34 -24.40
CA ALA B 142 26.45 -3.55 -25.15
C ALA B 142 25.19 -4.33 -25.48
N GLN B 143 24.07 -3.98 -24.83
CA GLN B 143 22.82 -4.66 -25.06
C GLN B 143 22.13 -4.22 -26.35
N THR B 144 22.57 -3.08 -26.89
CA THR B 144 22.00 -2.62 -28.15
C THR B 144 22.52 -3.63 -29.15
N ASP B 145 21.64 -4.55 -29.52
CA ASP B 145 21.98 -5.64 -30.42
C ASP B 145 22.14 -5.26 -31.89
N ARG B 146 23.27 -5.69 -32.45
CA ARG B 146 23.63 -5.48 -33.85
C ARG B 146 24.85 -6.39 -34.11
N ALA B 147 24.94 -6.95 -35.31
CA ALA B 147 26.02 -7.86 -35.68
C ALA B 147 26.06 -9.03 -34.70
N ARG B 148 27.24 -9.38 -34.24
CA ARG B 148 27.40 -10.47 -33.28
C ARG B 148 27.01 -11.84 -33.86
N LEU B 149 27.97 -12.76 -33.86
CA LEU B 149 27.80 -14.15 -34.34
C LEU B 149 29.02 -14.64 -35.12
N SER B 150 29.07 -15.96 -35.31
CA SER B 150 30.14 -16.64 -36.04
C SER B 150 31.53 -16.61 -35.41
N ILE B 151 31.82 -17.68 -34.67
CA ILE B 151 33.11 -17.89 -34.02
C ILE B 151 33.19 -19.40 -34.05
N HIS B 152 34.21 -19.96 -34.67
CA HIS B 152 34.28 -21.42 -34.77
C HIS B 152 35.45 -22.13 -34.14
N GLU B 153 36.44 -21.38 -33.67
CA GLU B 153 37.59 -22.00 -33.00
C GLU B 153 37.50 -21.80 -31.49
N LEU B 154 37.98 -22.79 -30.72
CA LEU B 154 37.93 -22.72 -29.27
C LEU B 154 38.60 -21.46 -28.77
N GLY B 155 39.86 -21.28 -29.15
CA GLY B 155 40.62 -20.12 -28.74
C GLY B 155 39.86 -18.82 -28.86
N HIS B 156 39.53 -18.43 -30.09
CA HIS B 156 38.79 -17.19 -30.30
C HIS B 156 37.58 -17.09 -29.41
N TYR B 157 36.86 -18.21 -29.28
CA TYR B 157 35.66 -18.21 -28.44
C TYR B 157 35.96 -17.93 -26.97
N LEU B 158 36.90 -18.67 -26.41
CA LEU B 158 37.26 -18.45 -25.01
C LEU B 158 37.77 -17.04 -24.78
N GLU B 159 38.60 -16.54 -25.71
CA GLU B 159 39.15 -15.19 -25.59
C GLU B 159 38.01 -14.18 -25.55
N TYR B 160 37.00 -14.41 -26.38
CA TYR B 160 35.86 -13.52 -26.45
C TYR B 160 35.04 -13.53 -25.17
N ARG B 161 35.00 -14.68 -24.49
CA ARG B 161 34.23 -14.78 -23.27
C ARG B 161 34.96 -14.14 -22.10
N GLU B 162 36.29 -14.10 -22.18
CA GLU B 162 37.09 -13.50 -21.12
C GLU B 162 36.74 -12.03 -21.01
N LYS B 163 36.41 -11.40 -22.14
CA LYS B 163 36.09 -10.00 -22.20
C LYS B 163 34.61 -9.66 -21.94
N ASP B 164 33.80 -10.67 -21.65
CA ASP B 164 32.37 -10.44 -21.40
C ASP B 164 32.15 -9.27 -20.42
N VAL B 165 31.46 -8.22 -20.90
CA VAL B 165 31.19 -7.04 -20.09
C VAL B 165 30.36 -7.29 -18.83
N GLY B 166 29.53 -8.33 -18.88
CA GLY B 166 28.68 -8.66 -17.74
C GLY B 166 29.45 -9.28 -16.60
N LYS B 167 30.38 -10.19 -16.92
CA LYS B 167 31.16 -10.85 -15.88
C LYS B 167 32.06 -9.79 -15.24
N ALA B 168 32.30 -8.72 -15.97
CA ALA B 168 33.12 -7.62 -15.49
C ALA B 168 32.27 -6.85 -14.48
N LEU B 169 31.01 -6.64 -14.85
CA LEU B 169 30.05 -5.94 -13.99
C LEU B 169 29.95 -6.73 -12.69
N LEU B 170 29.76 -8.04 -12.82
CA LEU B 170 29.66 -8.92 -11.68
C LEU B 170 30.79 -8.72 -10.68
N SER B 171 32.01 -8.67 -11.18
CA SER B 171 33.16 -8.49 -10.32
C SER B 171 33.16 -7.12 -9.63
N ALA B 172 32.78 -6.08 -10.35
CA ALA B 172 32.73 -4.74 -9.78
C ALA B 172 31.67 -4.75 -8.68
N LEU B 173 30.48 -5.25 -9.01
CA LEU B 173 29.39 -5.33 -8.06
C LEU B 173 29.86 -6.14 -6.87
N MET B 174 30.54 -7.26 -7.12
CA MET B 174 31.03 -8.09 -6.01
C MET B 174 31.86 -7.28 -5.03
N ARG B 175 32.70 -6.39 -5.56
CA ARG B 175 33.53 -5.57 -4.70
C ARG B 175 32.67 -4.67 -3.81
N PHE B 176 31.69 -4.04 -4.43
CA PHE B 176 30.82 -3.14 -3.70
C PHE B 176 30.05 -3.88 -2.61
N SER B 177 29.43 -4.99 -2.99
CA SER B 177 28.62 -5.79 -2.08
C SER B 177 29.39 -6.30 -0.88
N MET B 178 30.67 -6.59 -1.09
CA MET B 178 31.52 -7.09 -0.03
C MET B 178 32.25 -5.96 0.67
N GLY B 179 32.16 -4.77 0.07
CA GLY B 179 32.83 -3.61 0.63
C GLY B 179 34.34 -3.74 0.50
N LEU B 180 34.79 -4.38 -0.58
CA LEU B 180 36.21 -4.56 -0.81
C LEU B 180 36.81 -3.31 -1.41
N ARG B 181 37.87 -2.82 -0.78
CA ARG B 181 38.54 -1.60 -1.23
C ARG B 181 39.96 -1.94 -1.73
N LEU B 182 40.10 -2.16 -3.03
CA LEU B 182 41.40 -2.52 -3.63
C LEU B 182 42.05 -1.37 -4.37
N SER B 183 43.38 -1.46 -4.53
CA SER B 183 44.15 -0.45 -5.22
C SER B 183 44.19 -0.73 -6.73
N ALA B 184 44.44 0.33 -7.50
CA ALA B 184 44.51 0.20 -8.95
C ALA B 184 45.45 -0.94 -9.34
N ASP B 185 46.61 -1.00 -8.69
CA ASP B 185 47.57 -2.06 -8.99
C ASP B 185 46.98 -3.41 -8.67
N GLU B 186 46.45 -3.56 -7.47
CA GLU B 186 45.85 -4.83 -7.07
C GLU B 186 44.85 -5.30 -8.11
N LEU B 187 43.99 -4.37 -8.53
CA LEU B 187 42.96 -4.66 -9.51
C LEU B 187 43.53 -5.11 -10.85
N GLN B 188 44.60 -4.46 -11.27
CA GLN B 188 45.26 -4.77 -12.52
C GLN B 188 45.92 -6.14 -12.46
N ASP B 189 46.59 -6.45 -11.35
CA ASP B 189 47.24 -7.75 -11.18
C ASP B 189 46.22 -8.86 -11.05
N MET B 190 44.93 -8.50 -11.10
CA MET B 190 43.86 -9.48 -10.97
C MET B 190 43.33 -9.91 -12.35
N LYS B 191 43.70 -9.15 -13.39
CA LYS B 191 43.26 -9.44 -14.75
C LYS B 191 43.27 -10.90 -15.15
N ALA B 192 44.42 -11.54 -15.06
CA ALA B 192 44.54 -12.95 -15.42
C ALA B 192 43.49 -13.78 -14.68
N LEU B 193 43.55 -13.73 -13.36
CA LEU B 193 42.62 -14.47 -12.50
C LEU B 193 41.18 -14.19 -12.93
N GLU B 194 40.90 -12.93 -13.28
CA GLU B 194 39.58 -12.52 -13.71
C GLU B 194 39.16 -13.16 -15.02
N ALA B 195 40.08 -13.16 -15.98
CA ALA B 195 39.81 -13.76 -17.30
C ALA B 195 39.52 -15.26 -17.16
N ASN B 196 40.34 -15.94 -16.36
CA ASN B 196 40.15 -17.37 -16.13
C ASN B 196 38.74 -17.59 -15.60
N CYS B 197 38.32 -16.74 -14.65
CA CYS B 197 37.00 -16.86 -14.06
C CYS B 197 35.87 -16.62 -15.07
N ALA B 198 35.96 -15.52 -15.82
CA ALA B 198 34.95 -15.19 -16.82
C ALA B 198 34.79 -16.32 -17.82
N LYS B 199 35.92 -16.96 -18.14
CA LYS B 199 35.94 -18.05 -19.08
C LYS B 199 35.28 -19.30 -18.50
N GLN B 200 35.63 -19.61 -17.25
CA GLN B 200 35.06 -20.78 -16.60
C GLN B 200 33.55 -20.60 -16.48
N LEU B 201 33.16 -19.40 -16.05
CA LEU B 201 31.76 -19.08 -15.90
C LEU B 201 30.95 -19.34 -17.18
N SER B 202 31.49 -18.92 -18.31
CA SER B 202 30.80 -19.09 -19.60
C SER B 202 30.63 -20.54 -20.03
N VAL B 203 31.71 -21.31 -19.99
CA VAL B 203 31.64 -22.70 -20.39
C VAL B 203 30.62 -23.49 -19.55
N VAL B 204 30.63 -23.30 -18.23
CA VAL B 204 29.67 -24.01 -17.38
C VAL B 204 28.25 -23.60 -17.77
N ASN B 205 28.08 -22.34 -18.16
CA ASN B 205 26.79 -21.86 -18.60
C ASN B 205 26.39 -22.59 -19.89
N ASP B 206 27.28 -22.58 -20.87
CA ASP B 206 27.02 -23.24 -22.15
C ASP B 206 26.67 -24.71 -22.00
N ILE B 207 27.45 -25.42 -21.19
CA ILE B 207 27.20 -26.83 -20.97
C ILE B 207 25.75 -27.06 -20.55
N TYR B 208 25.23 -26.22 -19.67
CA TYR B 208 23.86 -26.37 -19.18
C TYR B 208 22.80 -25.69 -20.04
N SER B 209 23.21 -24.79 -20.91
CA SER B 209 22.24 -24.12 -21.76
C SER B 209 22.19 -24.66 -23.19
N TYR B 210 23.04 -25.62 -23.51
CA TYR B 210 23.08 -26.15 -24.88
C TYR B 210 21.76 -26.72 -25.38
N ASP B 211 21.22 -27.68 -24.65
CA ASP B 211 19.96 -28.31 -25.05
C ASP B 211 18.88 -27.29 -25.37
N LYS B 212 18.55 -26.46 -24.39
CA LYS B 212 17.50 -25.46 -24.56
C LYS B 212 17.74 -24.49 -25.72
N GLU B 213 18.98 -24.13 -26.00
CA GLU B 213 19.27 -23.20 -27.11
C GLU B 213 19.07 -23.88 -28.45
N GLU B 214 18.23 -24.91 -28.45
CA GLU B 214 17.93 -25.67 -29.67
C GLU B 214 16.55 -25.38 -30.22
N GLU B 215 16.55 -24.83 -31.43
CA GLU B 215 15.34 -24.47 -32.13
C GLU B 215 15.63 -24.10 -33.60
N ALA B 216 16.62 -23.24 -33.81
CA ALA B 216 17.00 -22.80 -35.15
C ALA B 216 18.38 -22.11 -35.13
N LEU B 227 24.78 -19.57 -33.30
CA LEU B 227 24.81 -20.01 -31.87
C LEU B 227 26.23 -19.95 -31.32
N CYS B 228 26.45 -19.04 -30.36
CA CYS B 228 27.76 -18.87 -29.73
C CYS B 228 27.85 -19.74 -28.47
N SER B 229 28.33 -20.97 -28.64
CA SER B 229 28.44 -21.88 -27.51
C SER B 229 29.71 -22.69 -27.60
N ALA B 230 30.40 -22.85 -26.47
CA ALA B 230 31.62 -23.63 -26.45
C ALA B 230 31.25 -25.07 -26.82
N VAL B 231 30.06 -25.52 -26.45
CA VAL B 231 29.63 -26.87 -26.78
C VAL B 231 29.56 -27.08 -28.28
N LYS B 232 29.03 -26.09 -29.00
CA LYS B 232 28.96 -26.19 -30.44
C LYS B 232 30.35 -26.11 -31.05
N VAL B 233 31.10 -25.06 -30.70
CA VAL B 233 32.45 -24.86 -31.21
C VAL B 233 33.35 -26.08 -31.09
N LEU B 234 33.52 -26.59 -29.87
CA LEU B 234 34.38 -27.75 -29.66
C LEU B 234 33.87 -29.01 -30.35
N ALA B 235 32.57 -29.29 -30.20
CA ALA B 235 31.95 -30.46 -30.82
C ALA B 235 32.29 -30.53 -32.32
N GLU B 236 32.33 -29.38 -32.98
CA GLU B 236 32.66 -29.35 -34.39
C GLU B 236 34.14 -29.60 -34.59
N GLU B 237 34.97 -28.78 -33.96
CA GLU B 237 36.40 -28.91 -34.09
C GLU B 237 36.95 -30.29 -33.76
N SER B 238 36.31 -30.99 -32.83
CA SER B 238 36.79 -32.31 -32.43
C SER B 238 35.98 -33.44 -33.05
N LYS B 239 34.88 -33.09 -33.71
CA LYS B 239 34.01 -34.08 -34.33
C LYS B 239 33.49 -35.10 -33.31
N LEU B 240 33.15 -34.62 -32.12
CA LEU B 240 32.61 -35.51 -31.07
C LEU B 240 31.12 -35.25 -30.95
N GLY B 241 30.42 -36.18 -30.29
CA GLY B 241 28.99 -36.02 -30.08
C GLY B 241 28.77 -35.00 -28.98
N ILE B 242 27.54 -34.53 -28.79
CA ILE B 242 27.29 -33.55 -27.73
C ILE B 242 27.67 -34.05 -26.33
N PRO B 243 27.24 -35.28 -25.96
CA PRO B 243 27.58 -35.81 -24.64
C PRO B 243 29.09 -35.83 -24.42
N ALA B 244 29.83 -36.33 -25.40
CA ALA B 244 31.28 -36.41 -25.33
C ALA B 244 31.86 -35.00 -25.15
N THR B 245 31.42 -34.08 -26.02
CA THR B 245 31.87 -32.69 -25.98
C THR B 245 31.68 -32.13 -24.59
N LYS B 246 30.50 -32.36 -24.03
CA LYS B 246 30.21 -31.86 -22.70
C LYS B 246 31.18 -32.45 -21.68
N ARG B 247 31.41 -33.75 -21.75
CA ARG B 247 32.33 -34.40 -20.83
C ARG B 247 33.73 -33.77 -20.93
N VAL B 248 34.14 -33.43 -22.15
CA VAL B 248 35.44 -32.82 -22.37
C VAL B 248 35.44 -31.40 -21.80
N LEU B 249 34.40 -30.63 -22.12
CA LEU B 249 34.28 -29.27 -21.63
C LEU B 249 34.33 -29.26 -20.10
N TRP B 250 33.76 -30.29 -19.48
CA TRP B 250 33.80 -30.38 -18.02
C TRP B 250 35.23 -30.57 -17.54
N SER B 251 36.00 -31.42 -18.22
CA SER B 251 37.39 -31.66 -17.87
C SER B 251 38.16 -30.35 -17.90
N MET B 252 37.94 -29.59 -18.97
CA MET B 252 38.59 -28.31 -19.13
C MET B 252 38.16 -27.36 -18.02
N THR B 253 36.86 -27.36 -17.72
CA THR B 253 36.34 -26.51 -16.66
C THR B 253 37.06 -26.80 -15.35
N ARG B 254 37.07 -28.05 -14.94
CA ARG B 254 37.73 -28.43 -13.69
C ARG B 254 39.22 -28.09 -13.73
N GLU B 255 39.80 -28.13 -14.93
CA GLU B 255 41.21 -27.82 -15.11
C GLU B 255 41.43 -26.33 -14.83
N TRP B 256 40.54 -25.49 -15.35
CA TRP B 256 40.62 -24.06 -15.16
C TRP B 256 40.43 -23.67 -13.69
N GLU B 257 39.73 -24.53 -12.93
CA GLU B 257 39.51 -24.26 -11.52
C GLU B 257 40.84 -24.43 -10.82
N THR B 258 41.66 -25.36 -11.33
CA THR B 258 42.98 -25.58 -10.76
C THR B 258 43.87 -24.37 -11.09
N VAL B 259 43.72 -23.83 -12.28
CA VAL B 259 44.49 -22.66 -12.68
C VAL B 259 44.18 -21.54 -11.69
N HIS B 260 42.90 -21.44 -11.32
CA HIS B 260 42.45 -20.43 -10.37
C HIS B 260 43.20 -20.60 -9.05
N ASP B 261 43.03 -21.78 -8.45
CA ASP B 261 43.67 -22.10 -7.20
C ASP B 261 45.17 -21.81 -7.27
N GLU B 262 45.79 -22.23 -8.37
CA GLU B 262 47.21 -22.03 -8.56
C GLU B 262 47.57 -20.55 -8.55
N ILE B 263 46.86 -19.74 -9.32
CA ILE B 263 47.15 -18.31 -9.34
C ILE B 263 46.97 -17.68 -7.96
N VAL B 264 45.91 -18.07 -7.26
CA VAL B 264 45.66 -17.53 -5.93
C VAL B 264 46.84 -17.85 -5.03
N ALA B 265 47.08 -19.13 -4.79
CA ALA B 265 48.17 -19.56 -3.93
C ALA B 265 49.46 -18.77 -4.20
N GLU B 266 49.77 -18.61 -5.49
CA GLU B 266 50.95 -17.87 -5.90
C GLU B 266 50.91 -16.41 -5.47
N LYS B 267 49.77 -15.76 -5.69
CA LYS B 267 49.61 -14.36 -5.32
C LYS B 267 49.71 -14.17 -3.80
N ILE B 268 49.15 -15.12 -3.06
CA ILE B 268 49.20 -15.06 -1.61
C ILE B 268 50.62 -15.26 -1.14
N ALA B 269 51.21 -16.38 -1.51
CA ALA B 269 52.59 -16.69 -1.10
C ALA B 269 53.62 -15.75 -1.73
N SER B 270 53.17 -14.81 -2.56
CA SER B 270 54.08 -13.86 -3.20
C SER B 270 54.89 -13.10 -2.15
N PRO B 271 56.11 -12.67 -2.52
CA PRO B 271 57.00 -11.94 -1.61
C PRO B 271 56.48 -10.55 -1.28
N ASP B 272 55.87 -9.92 -2.30
CA ASP B 272 55.32 -8.58 -2.15
C ASP B 272 54.06 -8.62 -1.29
N GLY B 273 53.70 -9.82 -0.84
CA GLY B 273 52.54 -9.98 -0.01
C GLY B 273 51.21 -9.88 -0.72
N CYS B 274 50.16 -10.32 -0.04
CA CYS B 274 48.82 -10.29 -0.59
C CYS B 274 47.85 -9.64 0.41
N SER B 275 47.26 -8.53 0.01
CA SER B 275 46.31 -7.79 0.83
C SER B 275 45.15 -8.62 1.40
N GLU B 276 44.57 -8.12 2.49
CA GLU B 276 43.43 -8.76 3.13
C GLU B 276 42.22 -8.62 2.19
N ALA B 277 42.11 -7.46 1.55
CA ALA B 277 41.04 -7.17 0.61
C ALA B 277 41.22 -7.97 -0.67
N ALA B 278 42.48 -8.18 -1.05
CA ALA B 278 42.81 -8.94 -2.24
C ALA B 278 42.35 -10.38 -2.06
N LYS B 279 42.69 -10.97 -0.91
CA LYS B 279 42.30 -12.35 -0.62
C LYS B 279 40.80 -12.53 -0.67
N ALA B 280 40.06 -11.60 -0.05
CA ALA B 280 38.60 -11.66 -0.03
C ALA B 280 38.08 -11.64 -1.47
N TYR B 281 38.71 -10.80 -2.29
CA TYR B 281 38.34 -10.67 -3.70
C TYR B 281 38.50 -11.99 -4.45
N MET B 282 39.65 -12.63 -4.31
CA MET B 282 39.89 -13.88 -4.99
C MET B 282 38.92 -14.94 -4.52
N LYS B 283 38.70 -15.02 -3.20
CA LYS B 283 37.76 -16.00 -2.67
C LYS B 283 36.38 -15.70 -3.21
N GLY B 284 36.11 -14.41 -3.42
CA GLY B 284 34.83 -14.00 -3.95
C GLY B 284 34.61 -14.57 -5.33
N LEU B 285 35.64 -14.50 -6.17
CA LEU B 285 35.55 -15.03 -7.53
C LEU B 285 35.22 -16.51 -7.51
N GLU B 286 35.83 -17.24 -6.57
CA GLU B 286 35.57 -18.66 -6.45
C GLU B 286 34.07 -18.89 -6.24
N TYR B 287 33.47 -18.09 -5.38
CA TYR B 287 32.04 -18.23 -5.13
C TYR B 287 31.19 -17.94 -6.35
N GLN B 288 31.58 -16.97 -7.17
CA GLN B 288 30.81 -16.70 -8.37
C GLN B 288 30.78 -18.00 -9.20
N MET B 289 31.94 -18.63 -9.34
CA MET B 289 32.03 -19.83 -10.13
C MET B 289 31.30 -21.01 -9.51
N SER B 290 31.52 -21.25 -8.21
CA SER B 290 30.85 -22.38 -7.56
C SER B 290 29.34 -22.09 -7.48
N GLY B 291 29.01 -20.83 -7.25
CA GLY B 291 27.61 -20.44 -7.16
C GLY B 291 26.96 -20.49 -8.53
N ASN B 292 27.68 -20.06 -9.56
CA ASN B 292 27.14 -20.06 -10.92
C ASN B 292 26.80 -21.47 -11.33
N GLU B 293 27.66 -22.43 -10.99
CA GLU B 293 27.38 -23.81 -11.34
C GLU B 293 26.13 -24.27 -10.59
N GLN B 294 26.16 -24.13 -9.27
CA GLN B 294 25.03 -24.53 -8.45
C GLN B 294 23.75 -24.04 -9.10
N TRP B 295 23.74 -22.75 -9.43
CA TRP B 295 22.58 -22.18 -10.07
C TRP B 295 22.28 -22.88 -11.38
N SER B 296 23.26 -22.94 -12.27
CA SER B 296 23.10 -23.58 -13.57
C SER B 296 22.49 -24.98 -13.55
N LYS B 297 22.84 -25.79 -12.56
CA LYS B 297 22.28 -27.13 -12.46
C LYS B 297 20.78 -26.92 -12.31
N THR B 298 20.40 -26.53 -11.11
CA THR B 298 19.02 -26.27 -10.72
C THR B 298 18.48 -24.93 -11.23
N THR B 299 17.77 -24.92 -12.36
CA THR B 299 17.23 -23.66 -12.91
C THR B 299 16.13 -23.83 -13.99
N ARG B 300 15.76 -22.69 -14.58
CA ARG B 300 14.73 -22.63 -15.63
C ARG B 300 13.67 -23.71 -15.46
C1 FOF C . -25.57 8.14 11.82
C2 FOF C . -26.93 8.82 11.84
C3 FOF C . -27.77 8.65 13.10
C4 FOF C . -27.35 9.54 10.75
C5 FOF C . -28.67 10.29 10.55
C6 FOF C . -29.71 9.56 9.64
C7 FOF C . -30.25 8.27 10.25
C8 FOF C . -31.09 8.40 11.54
C9 FOF C . -29.96 7.07 9.69
C10 FOF C . -30.35 5.63 10.13
C11 FOF C . -31.84 5.33 10.49
C12 FOF C . -32.05 4.75 11.90
C13 FOF C . -31.15 3.60 12.38
C14 FOF C . -33.01 5.25 12.71
C15 FOF C . -33.34 4.79 14.13
O1 FOF C . -34.55 4.05 14.06
C1 FOH D . -24.16 8.34 13.13
C2 FOH D . -24.67 9.38 12.16
C3 FOH D . -23.79 9.71 10.97
C4 FOH D . -25.88 9.95 12.38
C5 FOH D . -26.55 11.01 11.51
C6 FOH D . -27.59 10.45 10.50
C7 FOH D . -28.54 11.46 9.87
C8 FOH D . -28.25 12.95 9.96
C9 FOH D . -29.66 11.05 9.21
C10 FOH D . -30.11 9.59 9.03
C11 FOH D . -31.07 9.02 10.13
C12 FOH D . -30.36 8.30 11.29
C13 FOH D . -29.68 6.96 11.06
C14 FOH D . -30.32 8.80 12.55
C15 FOH D . -30.92 10.12 13.03
O1 FOH D . -32.18 9.82 13.63
C1 FOF E . 24.51 -9.92 -16.57
C2 FOF E . 24.96 -11.32 -16.18
C3 FOF E . 26.35 -11.76 -16.65
C4 FOF E . 24.15 -12.11 -15.44
C5 FOF E . 24.41 -13.54 -14.95
C6 FOF E . 23.71 -14.64 -15.82
C7 FOF E . 24.33 -14.81 -17.21
C8 FOF E . 25.76 -15.36 -17.31
C9 FOF E . 23.62 -14.47 -18.33
C10 FOF E . 24.09 -14.55 -19.80
C11 FOF E . 24.36 -15.97 -20.40
C12 FOF E . 25.70 -16.08 -21.15
C13 FOF E . 25.89 -15.29 -22.44
C14 FOF E . 26.69 -16.87 -20.67
C15 FOF E . 28.07 -17.09 -21.30
O1 FOF E . 28.10 -18.40 -21.85
C1 FOH F . 25.29 -8.87 -16.67
C2 FOH F . 24.55 -9.53 -15.54
C3 FOH F . 23.31 -8.81 -15.01
C4 FOH F . 24.98 -10.69 -15.06
C5 FOH F . 24.36 -11.50 -13.94
C6 FOH F . 24.76 -12.98 -13.97
C7 FOH F . 23.90 -13.94 -13.19
C8 FOH F . 23.89 -13.80 -11.68
C9 FOH F . 23.15 -14.91 -13.79
C10 FOH F . 23.02 -15.22 -15.29
C11 FOH F . 24.25 -15.89 -15.99
C12 FOH F . 25.09 -14.94 -16.88
C13 FOH F . 24.43 -14.29 -18.10
C14 FOH F . 26.38 -14.67 -16.62
C15 FOH F . 27.23 -15.20 -15.46
O1 FOH F . 27.82 -16.42 -15.90
#